data_7OBX
#
_entry.id   7OBX
#
_cell.length_a   82.552
_cell.length_b   112.160
_cell.length_c   62.712
_cell.angle_alpha   90.000
_cell.angle_beta   90.000
_cell.angle_gamma   90.000
#
_symmetry.space_group_name_H-M   'C 2 2 21'
#
loop_
_entity.id
_entity.type
_entity.pdbx_description
1 polymer '14-3-3 protein sigma'
2 polymer 'SSBP4 phosphopeptide'
3 non-polymer 'MAGNESIUM ION'
4 non-polymer 'CHLORIDE ION'
5 water water
#
loop_
_entity_poly.entity_id
_entity_poly.type
_entity_poly.pdbx_seq_one_letter_code
_entity_poly.pdbx_strand_id
1 'polypeptide(L)'
;GAMGSMERASLIQKAKLAEQAERYEDMAAFMKGAVEKGEELS(CSO)EERNLLSVAYKNVVGGQRAAWRVLSSIEQKSNE
EGSEEKGPEVREYREKVETELQGVCDTVLGLLDSHLIKEAGDAESRVFYLKMKGDYYRYLAEVATGDDKKRIIDSARSAY
QEAMDISKKEMPPTNPIRLGLALNFSVFHYEIANSPEEAISLAKTTFDEAMADLHTLSEDSYKDSTLIMQLLRDNLTLWT
ADNAGEEGGEAPQEPQS
;
A
2 'polypeptide(L)' ESYSPGMTM(SEP)V B
#
loop_
_chem_comp.id
_chem_comp.type
_chem_comp.name
_chem_comp.formula
CL non-polymer 'CHLORIDE ION' 'Cl -1'
MG non-polymer 'MAGNESIUM ION' 'Mg 2'
#
# COMPACT_ATOMS: atom_id res chain seq x y z
N GLY A 1 -0.62 10.98 23.23
CA GLY A 1 0.08 9.82 22.61
C GLY A 1 1.45 9.68 23.22
N ALA A 2 1.97 8.44 23.27
CA ALA A 2 3.21 8.14 23.97
C ALA A 2 4.42 8.83 23.35
N MET A 3 4.30 9.33 22.12
CA MET A 3 5.39 10.06 21.48
C MET A 3 5.26 11.56 21.61
N GLY A 4 4.25 12.03 22.34
CA GLY A 4 3.99 13.46 22.44
C GLY A 4 5.11 14.25 23.09
N SER A 5 5.89 13.61 23.94
CA SER A 5 7.00 14.29 24.61
C SER A 5 8.32 14.25 23.85
N MET A 6 8.41 13.54 22.72
CA MET A 6 9.67 13.44 22.00
C MET A 6 9.72 14.43 20.84
N GLU A 7 10.90 15.06 20.66
CA GLU A 7 11.10 15.99 19.55
C GLU A 7 10.81 15.34 18.21
N ARG A 8 10.27 16.12 17.28
CA ARG A 8 10.03 15.63 15.93
C ARG A 8 11.30 15.07 15.31
N ALA A 9 12.41 15.80 15.41
CA ALA A 9 13.65 15.34 14.79
C ALA A 9 14.17 14.06 15.44
N SER A 10 13.97 13.89 16.74
CA SER A 10 14.37 12.67 17.42
C SER A 10 13.53 11.48 16.97
N LEU A 11 12.23 11.69 16.78
CA LEU A 11 11.37 10.64 16.23
C LEU A 11 11.82 10.19 14.85
N ILE A 12 12.15 11.15 13.98
N ILE A 12 12.18 11.15 13.98
CA ILE A 12 12.65 10.80 12.65
CA ILE A 12 12.64 10.76 12.66
C ILE A 12 13.96 10.04 12.77
C ILE A 12 13.99 10.07 12.73
N GLN A 13 14.88 10.53 13.60
CA GLN A 13 16.16 9.85 13.78
C GLN A 13 15.95 8.42 14.27
N LYS A 14 15.05 8.24 15.23
CA LYS A 14 14.79 6.89 15.75
C LYS A 14 14.06 6.02 14.74
N ALA A 15 13.19 6.60 13.91
CA ALA A 15 12.59 5.81 12.83
C ALA A 15 13.66 5.22 11.93
N LYS A 16 14.70 6.00 11.62
CA LYS A 16 15.77 5.50 10.75
C LYS A 16 16.58 4.41 11.45
N LEU A 17 16.82 4.56 12.75
CA LEU A 17 17.48 3.50 13.54
C LEU A 17 16.64 2.22 13.55
N ALA A 18 15.32 2.35 13.80
CA ALA A 18 14.46 1.17 13.82
C ALA A 18 14.49 0.44 12.49
N GLU A 19 14.47 1.19 11.38
CA GLU A 19 14.60 0.57 10.06
C GLU A 19 15.90 -0.23 9.96
N GLN A 20 17.01 0.34 10.41
CA GLN A 20 18.28 -0.40 10.34
C GLN A 20 18.23 -1.67 11.16
N ALA A 21 17.52 -1.65 12.29
CA ALA A 21 17.38 -2.79 13.17
C ALA A 21 16.22 -3.69 12.77
N GLU A 22 15.53 -3.38 11.67
CA GLU A 22 14.36 -4.14 11.20
C GLU A 22 13.28 -4.22 12.27
N ARG A 23 13.12 -3.14 13.03
CA ARG A 23 12.10 -3.02 14.06
C ARG A 23 10.96 -2.16 13.51
N TYR A 24 10.12 -2.77 12.67
CA TYR A 24 9.20 -1.95 11.90
C TYR A 24 8.00 -1.46 12.71
N GLU A 25 7.56 -2.22 13.73
CA GLU A 25 6.52 -1.72 14.62
C GLU A 25 6.99 -0.44 15.34
N ASP A 26 8.20 -0.47 15.89
CA ASP A 26 8.78 0.74 16.46
C ASP A 26 8.85 1.85 15.40
N MET A 27 9.34 1.52 14.20
CA MET A 27 9.50 2.51 13.15
C MET A 27 8.17 3.20 12.87
N ALA A 28 7.08 2.41 12.78
CA ALA A 28 5.75 2.96 12.54
C ALA A 28 5.31 3.86 13.68
N ALA A 29 5.53 3.44 14.92
CA ALA A 29 5.10 4.26 16.04
C ALA A 29 5.86 5.58 16.08
N PHE A 30 7.16 5.55 15.76
CA PHE A 30 7.93 6.79 15.72
C PHE A 30 7.38 7.72 14.63
N MET A 31 7.10 7.19 13.43
CA MET A 31 6.61 8.04 12.36
C MET A 31 5.18 8.52 12.61
N LYS A 32 4.35 7.71 13.26
CA LYS A 32 3.04 8.19 13.69
C LYS A 32 3.22 9.40 14.60
N GLY A 33 4.13 9.30 15.56
CA GLY A 33 4.42 10.42 16.43
C GLY A 33 4.89 11.65 15.68
N ALA A 34 5.76 11.45 14.67
CA ALA A 34 6.21 12.57 13.84
C ALA A 34 5.06 13.22 13.07
N VAL A 35 4.20 12.42 12.46
CA VAL A 35 3.04 12.98 11.76
C VAL A 35 2.18 13.81 12.71
N GLU A 36 1.97 13.29 13.93
CA GLU A 36 1.09 13.95 14.89
C GLU A 36 1.67 15.26 15.42
N LYS A 37 2.94 15.57 15.15
CA LYS A 37 3.42 16.91 15.43
C LYS A 37 2.73 17.98 14.61
N GLY A 38 2.09 17.62 13.50
CA GLY A 38 1.25 18.53 12.75
C GLY A 38 1.91 19.24 11.58
N GLU A 39 3.22 19.12 11.40
CA GLU A 39 3.91 19.69 10.26
C GLU A 39 3.84 18.73 9.07
N GLU A 40 3.88 19.30 7.87
CA GLU A 40 3.92 18.46 6.68
C GLU A 40 5.19 17.62 6.69
N LEU A 41 5.17 16.55 5.91
CA LEU A 41 6.31 15.65 5.79
C LEU A 41 7.09 15.92 4.51
N SER A 42 8.41 15.88 4.63
CA SER A 42 9.28 15.91 3.46
C SER A 42 9.21 14.61 2.67
N CSO A 43 9.84 14.59 1.51
N CSO A 43 9.81 14.60 1.48
CA CSO A 43 9.82 13.42 0.63
CA CSO A 43 9.82 13.42 0.64
CB CSO A 43 10.55 13.72 -0.67
CB CSO A 43 10.61 13.69 -0.65
SG CSO A 43 10.81 12.20 -1.62
SG CSO A 43 10.56 12.28 -1.78
C CSO A 43 10.43 12.21 1.34
C CSO A 43 10.40 12.22 1.41
O CSO A 43 9.89 11.11 1.27
O CSO A 43 9.80 11.14 1.47
OD CSO A 43 9.58 12.05 -2.89
OD CSO A 43 11.96 11.25 -1.36
HB2 CSO A 43 11.41 14.12 -0.48
HB2 CSO A 43 11.54 13.87 -0.43
HB3 CSO A 43 10.02 14.33 -1.22
HB3 CSO A 43 10.22 14.46 -1.11
HD CSO A 43 9.58 12.84 -3.45
HD CSO A 43 11.97 11.05 -0.41
N GLU A 44 11.55 12.42 2.01
CA GLU A 44 12.22 11.35 2.75
C GLU A 44 11.33 10.86 3.92
N GLU A 45 10.70 11.81 4.61
CA GLU A 45 9.86 11.45 5.75
C GLU A 45 8.63 10.67 5.32
N ARG A 46 8.05 11.04 4.17
CA ARG A 46 6.90 10.31 3.65
C ARG A 46 7.29 8.87 3.37
N ASN A 47 8.47 8.68 2.81
CA ASN A 47 8.87 7.31 2.51
C ASN A 47 9.21 6.54 3.77
N LEU A 48 9.64 7.20 4.84
CA LEU A 48 9.82 6.47 6.10
C LEU A 48 8.49 6.00 6.65
N LEU A 49 7.47 6.86 6.57
CA LEU A 49 6.14 6.50 7.02
C LEU A 49 5.63 5.29 6.25
N SER A 50 5.77 5.33 4.93
N SER A 50 5.75 5.35 4.92
CA SER A 50 5.24 4.26 4.10
CA SER A 50 5.26 4.27 4.06
C SER A 50 6.00 2.95 4.29
C SER A 50 6.00 2.96 4.32
N VAL A 51 7.34 3.01 4.37
CA VAL A 51 8.14 1.80 4.61
C VAL A 51 7.70 1.12 5.91
N ALA A 52 7.54 1.91 6.98
CA ALA A 52 7.25 1.35 8.29
C ALA A 52 5.93 0.60 8.26
N TYR A 53 4.86 1.26 7.83
CA TYR A 53 3.56 0.62 7.88
C TYR A 53 3.43 -0.47 6.82
N LYS A 54 4.10 -0.32 5.68
CA LYS A 54 4.04 -1.38 4.67
C LYS A 54 4.60 -2.69 5.23
N ASN A 55 5.70 -2.61 5.98
CA ASN A 55 6.28 -3.79 6.59
C ASN A 55 5.39 -4.37 7.68
N VAL A 56 4.83 -3.52 8.54
CA VAL A 56 3.95 -4.02 9.60
C VAL A 56 2.73 -4.72 9.01
N VAL A 57 2.01 -4.05 8.11
N VAL A 57 2.00 -4.04 8.13
CA VAL A 57 0.80 -4.64 7.56
CA VAL A 57 0.80 -4.66 7.56
C VAL A 57 1.14 -5.79 6.63
C VAL A 57 1.17 -5.84 6.68
N GLY A 58 2.33 -5.79 6.02
CA GLY A 58 2.72 -6.89 5.18
C GLY A 58 2.87 -8.19 5.96
N GLY A 59 3.46 -8.11 7.15
CA GLY A 59 3.53 -9.27 8.01
C GLY A 59 2.16 -9.75 8.47
N GLN A 60 1.26 -8.80 8.79
CA GLN A 60 -0.08 -9.18 9.20
C GLN A 60 -0.84 -9.83 8.05
N ARG A 61 -0.69 -9.31 6.84
CA ARG A 61 -1.38 -9.90 5.69
C ARG A 61 -0.88 -11.31 5.44
N ALA A 62 0.43 -11.53 5.54
CA ALA A 62 0.98 -12.85 5.30
C ALA A 62 0.45 -13.84 6.33
N ALA A 63 0.37 -13.40 7.60
CA ALA A 63 -0.15 -14.28 8.64
C ALA A 63 -1.63 -14.55 8.44
N TRP A 64 -2.39 -13.51 8.09
CA TRP A 64 -3.81 -13.70 7.84
C TRP A 64 -4.04 -14.71 6.74
N ARG A 65 -3.20 -14.68 5.70
CA ARG A 65 -3.41 -15.61 4.59
C ARG A 65 -3.11 -17.05 5.02
N VAL A 66 -2.05 -17.24 5.82
CA VAL A 66 -1.77 -18.57 6.37
C VAL A 66 -2.98 -19.08 7.13
N LEU A 67 -3.51 -18.27 8.05
CA LEU A 67 -4.60 -18.70 8.91
C LEU A 67 -5.89 -18.90 8.12
N SER A 68 -6.16 -18.01 7.15
N SER A 68 -6.18 -18.00 7.16
CA SER A 68 -7.35 -18.16 6.31
CA SER A 68 -7.40 -18.16 6.38
C SER A 68 -7.29 -19.46 5.52
C SER A 68 -7.37 -19.44 5.56
N SER A 69 -6.10 -19.82 5.02
N SER A 69 -6.19 -19.81 5.06
CA SER A 69 -5.98 -21.09 4.29
CA SER A 69 -6.07 -21.07 4.31
C SER A 69 -6.31 -22.27 5.20
C SER A 69 -6.34 -22.26 5.21
N ILE A 70 -5.78 -22.25 6.42
CA ILE A 70 -6.07 -23.33 7.37
C ILE A 70 -7.56 -23.40 7.66
N GLU A 71 -8.19 -22.24 7.83
CA GLU A 71 -9.60 -22.18 8.15
C GLU A 71 -10.43 -22.74 7.01
N GLN A 72 -10.06 -22.40 5.78
CA GLN A 72 -10.83 -22.89 4.63
C GLN A 72 -10.71 -24.40 4.51
N LYS A 73 -9.53 -24.96 4.73
CA LYS A 73 -9.39 -26.40 4.69
C LYS A 73 -10.25 -27.05 5.76
N SER A 74 -10.30 -26.45 6.96
CA SER A 74 -11.09 -27.03 8.04
C SER A 74 -12.57 -27.07 7.71
N ASN A 75 -13.01 -26.30 6.73
CA ASN A 75 -14.41 -26.27 6.35
C ASN A 75 -14.70 -27.07 5.08
N GLU A 76 -13.76 -27.92 4.65
CA GLU A 76 -13.95 -28.80 3.51
C GLU A 76 -14.70 -30.07 3.93
N GLU A 77 -15.11 -30.85 2.93
CA GLU A 77 -15.71 -32.14 3.16
C GLU A 77 -14.69 -33.11 3.74
N GLY A 78 -15.03 -33.75 4.86
CA GLY A 78 -14.18 -34.75 5.46
C GLY A 78 -13.12 -34.21 6.40
N SER A 79 -13.18 -32.95 6.77
CA SER A 79 -12.23 -32.34 7.69
C SER A 79 -12.76 -32.49 9.11
N GLU A 80 -11.93 -33.00 10.00
CA GLU A 80 -12.37 -33.23 11.37
C GLU A 80 -12.66 -31.88 12.05
N GLU A 81 -13.69 -31.85 12.88
CA GLU A 81 -14.05 -30.65 13.61
C GLU A 81 -13.05 -30.40 14.74
N LYS A 82 -12.49 -29.18 14.76
CA LYS A 82 -11.46 -28.85 15.75
C LYS A 82 -11.84 -27.68 16.64
N GLY A 83 -13.08 -27.21 16.58
CA GLY A 83 -13.54 -26.18 17.47
C GLY A 83 -13.31 -24.79 16.91
N PRO A 84 -13.49 -23.78 17.75
CA PRO A 84 -13.51 -22.39 17.26
C PRO A 84 -12.13 -21.75 17.14
N GLU A 85 -11.07 -22.48 17.48
CA GLU A 85 -9.77 -21.83 17.69
C GLU A 85 -9.21 -21.22 16.41
N VAL A 86 -9.32 -21.93 15.29
CA VAL A 86 -8.76 -21.39 14.04
C VAL A 86 -9.47 -20.09 13.68
N ARG A 87 -10.79 -20.09 13.71
CA ARG A 87 -11.56 -18.87 13.43
C ARG A 87 -11.19 -17.77 14.40
N GLU A 88 -11.10 -18.09 15.70
CA GLU A 88 -10.82 -17.06 16.70
C GLU A 88 -9.48 -16.38 16.42
N TYR A 89 -8.46 -17.19 16.12
CA TYR A 89 -7.13 -16.64 15.95
C TYR A 89 -7.00 -15.89 14.62
N ARG A 90 -7.64 -16.39 13.56
CA ARG A 90 -7.73 -15.61 12.32
C ARG A 90 -8.42 -14.27 12.57
N GLU A 91 -9.50 -14.26 13.35
CA GLU A 91 -10.18 -13.02 13.71
C GLU A 91 -9.28 -12.09 14.52
N LYS A 92 -8.47 -12.64 15.42
CA LYS A 92 -7.55 -11.82 16.19
C LYS A 92 -6.58 -11.09 15.29
N VAL A 93 -5.96 -11.84 14.37
CA VAL A 93 -4.98 -11.25 13.47
C VAL A 93 -5.67 -10.25 12.55
N GLU A 94 -6.86 -10.61 12.05
CA GLU A 94 -7.64 -9.73 11.19
C GLU A 94 -7.96 -8.41 11.87
N THR A 95 -8.36 -8.47 13.13
CA THR A 95 -8.72 -7.26 13.86
C THR A 95 -7.50 -6.37 14.04
N GLU A 96 -6.33 -6.97 14.31
N GLU A 96 -6.33 -6.96 14.31
CA GLU A 96 -5.11 -6.20 14.47
CA GLU A 96 -5.11 -6.16 14.46
C GLU A 96 -4.72 -5.53 13.15
C GLU A 96 -4.72 -5.51 13.15
N LEU A 97 -4.87 -6.26 12.05
N LEU A 97 -4.84 -6.26 12.05
CA LEU A 97 -4.60 -5.73 10.72
CA LEU A 97 -4.59 -5.72 10.72
C LEU A 97 -5.53 -4.57 10.37
C LEU A 97 -5.52 -4.55 10.42
N GLN A 98 -6.82 -4.72 10.66
CA GLN A 98 -7.76 -3.63 10.44
C GLN A 98 -7.40 -2.43 11.28
N GLY A 99 -6.92 -2.66 12.50
CA GLY A 99 -6.55 -1.56 13.35
C GLY A 99 -5.38 -0.78 12.80
N VAL A 100 -4.41 -1.47 12.24
CA VAL A 100 -3.28 -0.79 11.62
C VAL A 100 -3.75 0.01 10.41
N CYS A 101 -4.62 -0.58 9.57
CA CYS A 101 -5.13 0.15 8.40
C CYS A 101 -5.90 1.38 8.83
N ASP A 102 -6.72 1.24 9.88
CA ASP A 102 -7.48 2.38 10.37
C ASP A 102 -6.56 3.47 10.87
N THR A 103 -5.47 3.09 11.52
CA THR A 103 -4.52 4.08 12.02
C THR A 103 -3.90 4.87 10.88
N VAL A 104 -3.48 4.17 9.82
CA VAL A 104 -2.88 4.86 8.67
C VAL A 104 -3.89 5.78 8.02
N LEU A 105 -5.09 5.25 7.76
CA LEU A 105 -6.14 6.07 7.16
C LEU A 105 -6.49 7.28 8.01
N GLY A 106 -6.42 7.12 9.33
CA GLY A 106 -6.66 8.24 10.21
C GLY A 106 -5.60 9.32 10.10
N LEU A 107 -4.33 8.92 9.92
CA LEU A 107 -3.28 9.90 9.74
C LEU A 107 -3.47 10.64 8.43
N LEU A 108 -3.84 9.91 7.39
CA LEU A 108 -4.08 10.56 6.09
C LEU A 108 -5.24 11.55 6.19
N ASP A 109 -6.27 11.20 6.95
CA ASP A 109 -7.44 12.06 7.05
C ASP A 109 -7.27 13.20 8.04
N SER A 110 -6.37 13.03 9.03
CA SER A 110 -6.08 14.05 10.05
C SER A 110 -4.57 14.25 10.23
N HIS A 111 -3.91 15.03 9.35
CA HIS A 111 -4.50 15.86 8.30
C HIS A 111 -3.57 15.90 7.11
N LEU A 112 -2.91 14.76 6.83
CA LEU A 112 -1.89 14.74 5.80
C LEU A 112 -2.43 15.12 4.42
N ILE A 113 -3.57 14.54 4.03
CA ILE A 113 -4.04 14.74 2.66
C ILE A 113 -4.48 16.19 2.46
N LYS A 114 -5.20 16.75 3.43
CA LYS A 114 -5.75 18.09 3.18
C LYS A 114 -4.68 19.16 3.10
N GLU A 115 -3.51 18.95 3.73
CA GLU A 115 -2.42 19.92 3.65
C GLU A 115 -1.47 19.66 2.49
N ALA A 116 -1.66 18.57 1.74
CA ALA A 116 -0.72 18.17 0.68
C ALA A 116 -1.12 18.82 -0.62
N GLY A 117 -0.33 19.78 -1.08
CA GLY A 117 -0.67 20.52 -2.30
C GLY A 117 0.16 20.17 -3.51
N ASP A 118 1.41 19.79 -3.31
CA ASP A 118 2.27 19.42 -4.44
C ASP A 118 1.88 18.05 -4.96
N ALA A 119 2.03 17.86 -6.27
CA ALA A 119 1.66 16.58 -6.87
C ALA A 119 2.36 15.41 -6.21
N GLU A 120 3.65 15.57 -5.85
CA GLU A 120 4.40 14.43 -5.33
C GLU A 120 3.88 13.99 -3.97
N SER A 121 3.45 14.93 -3.14
N SER A 121 3.47 14.94 -3.14
CA SER A 121 2.90 14.54 -1.84
CA SER A 121 2.90 14.60 -1.84
C SER A 121 1.45 14.08 -1.99
C SER A 121 1.46 14.10 -1.98
N ARG A 122 0.64 14.83 -2.73
CA ARG A 122 -0.78 14.48 -2.81
C ARG A 122 -0.99 13.11 -3.45
N VAL A 123 -0.27 12.82 -4.54
CA VAL A 123 -0.40 11.52 -5.19
C VAL A 123 0.10 10.41 -4.26
N PHE A 124 1.21 10.65 -3.57
CA PHE A 124 1.75 9.68 -2.62
C PHE A 124 0.71 9.33 -1.56
N TYR A 125 0.07 10.34 -0.96
CA TYR A 125 -0.85 10.06 0.13
C TYR A 125 -2.13 9.42 -0.39
N LEU A 126 -2.59 9.83 -1.58
CA LEU A 126 -3.80 9.21 -2.12
C LEU A 126 -3.54 7.76 -2.52
N LYS A 127 -2.36 7.45 -3.07
CA LYS A 127 -1.98 6.06 -3.28
C LYS A 127 -2.01 5.27 -1.96
N MET A 128 -1.45 5.85 -0.90
CA MET A 128 -1.50 5.18 0.40
C MET A 128 -2.93 4.92 0.83
N LYS A 129 -3.81 5.92 0.68
CA LYS A 129 -5.21 5.73 1.02
C LYS A 129 -5.81 4.58 0.24
N GLY A 130 -5.53 4.50 -1.07
CA GLY A 130 -6.01 3.38 -1.85
C GLY A 130 -5.44 2.06 -1.38
N ASP A 131 -4.16 2.04 -1.06
CA ASP A 131 -3.51 0.81 -0.61
C ASP A 131 -4.13 0.28 0.67
N TYR A 132 -4.37 1.16 1.66
CA TYR A 132 -4.84 0.64 2.94
C TYR A 132 -6.33 0.30 2.88
N TYR A 133 -7.13 0.96 2.03
CA TYR A 133 -8.47 0.46 1.77
C TYR A 133 -8.43 -0.87 1.03
N ARG A 134 -7.47 -1.05 0.11
CA ARG A 134 -7.30 -2.35 -0.54
C ARG A 134 -7.00 -3.44 0.50
N TYR A 135 -6.13 -3.15 1.47
CA TYR A 135 -5.84 -4.17 2.48
C TYR A 135 -7.08 -4.47 3.32
N LEU A 136 -7.86 -3.45 3.67
CA LEU A 136 -9.15 -3.71 4.31
C LEU A 136 -10.05 -4.56 3.43
N ALA A 137 -10.04 -4.30 2.11
CA ALA A 137 -10.90 -5.06 1.20
C ALA A 137 -10.51 -6.53 1.14
N GLU A 138 -9.22 -6.83 1.30
CA GLU A 138 -8.75 -8.21 1.20
C GLU A 138 -9.41 -9.11 2.25
N VAL A 139 -9.75 -8.56 3.41
CA VAL A 139 -10.33 -9.33 4.50
C VAL A 139 -11.80 -9.04 4.72
N ALA A 140 -12.40 -8.15 3.93
CA ALA A 140 -13.78 -7.79 4.09
C ALA A 140 -14.71 -8.87 3.56
N THR A 141 -15.78 -9.12 4.31
CA THR A 141 -16.77 -10.14 3.95
C THR A 141 -18.21 -9.71 4.21
N GLY A 142 -18.44 -8.54 4.80
CA GLY A 142 -19.77 -8.14 5.24
C GLY A 142 -20.48 -7.06 4.43
N ASP A 143 -21.37 -6.32 5.12
CA ASP A 143 -22.24 -5.34 4.50
C ASP A 143 -21.49 -4.20 3.84
N ASP A 144 -20.31 -3.87 4.35
CA ASP A 144 -19.56 -2.70 3.90
C ASP A 144 -18.46 -3.05 2.91
N LYS A 145 -18.40 -4.29 2.43
CA LYS A 145 -17.33 -4.67 1.51
C LYS A 145 -17.38 -3.84 0.24
N LYS A 146 -18.57 -3.60 -0.32
CA LYS A 146 -18.62 -2.83 -1.55
C LYS A 146 -18.17 -1.40 -1.32
N ARG A 147 -18.52 -0.82 -0.17
CA ARG A 147 -18.12 0.55 0.11
C ARG A 147 -16.61 0.64 0.37
N ILE A 148 -16.04 -0.39 1.00
CA ILE A 148 -14.58 -0.42 1.18
C ILE A 148 -13.88 -0.47 -0.18
N ILE A 149 -14.35 -1.35 -1.06
CA ILE A 149 -13.79 -1.45 -2.41
C ILE A 149 -13.88 -0.12 -3.13
N ASP A 150 -15.03 0.54 -3.05
CA ASP A 150 -15.19 1.80 -3.77
C ASP A 150 -14.34 2.90 -3.17
N SER A 151 -14.09 2.85 -1.85
CA SER A 151 -13.20 3.83 -1.25
C SER A 151 -11.77 3.65 -1.77
N ALA A 152 -11.31 2.41 -1.91
CA ALA A 152 -10.02 2.17 -2.52
C ALA A 152 -9.99 2.70 -3.95
N ARG A 153 -11.00 2.32 -4.74
CA ARG A 153 -11.07 2.76 -6.13
C ARG A 153 -11.03 4.28 -6.23
N SER A 154 -11.86 4.96 -5.43
CA SER A 154 -11.94 6.41 -5.49
C SER A 154 -10.61 7.08 -5.18
N ALA A 155 -9.88 6.58 -4.19
CA ALA A 155 -8.61 7.20 -3.84
C ALA A 155 -7.57 6.97 -4.94
N TYR A 156 -7.48 5.74 -5.45
CA TYR A 156 -6.60 5.45 -6.57
C TYR A 156 -6.92 6.32 -7.77
N GLN A 157 -8.22 6.50 -8.07
CA GLN A 157 -8.62 7.24 -9.26
C GLN A 157 -8.23 8.71 -9.15
N GLU A 158 -8.44 9.32 -7.98
CA GLU A 158 -8.01 10.70 -7.79
C GLU A 158 -6.50 10.83 -7.93
N ALA A 159 -5.75 9.89 -7.36
CA ALA A 159 -4.30 9.89 -7.50
C ALA A 159 -3.88 9.74 -8.98
N MET A 160 -4.55 8.85 -9.70
CA MET A 160 -4.24 8.65 -11.12
C MET A 160 -4.49 9.93 -11.92
N ASP A 161 -5.63 10.57 -11.67
CA ASP A 161 -5.97 11.78 -12.42
C ASP A 161 -4.92 12.86 -12.22
N ILE A 162 -4.47 13.06 -10.97
CA ILE A 162 -3.44 14.06 -10.71
C ILE A 162 -2.12 13.64 -11.34
N SER A 163 -1.76 12.36 -11.20
CA SER A 163 -0.46 11.90 -11.66
C SER A 163 -0.34 12.03 -13.18
N LYS A 164 -1.43 11.78 -13.90
CA LYS A 164 -1.36 11.91 -15.35
C LYS A 164 -1.26 13.36 -15.79
N LYS A 165 -1.87 14.27 -15.05
CA LYS A 165 -1.80 15.69 -15.37
C LYS A 165 -0.47 16.32 -14.96
N GLU A 166 0.13 15.89 -13.85
CA GLU A 166 1.19 16.65 -13.21
C GLU A 166 2.56 15.99 -13.20
N MET A 167 2.67 14.73 -13.61
CA MET A 167 3.92 13.99 -13.49
C MET A 167 4.25 13.36 -14.83
N PRO A 168 5.52 13.17 -15.12
CA PRO A 168 5.89 12.45 -16.35
C PRO A 168 5.60 10.97 -16.21
N PRO A 169 5.47 10.26 -17.33
CA PRO A 169 5.12 8.83 -17.28
C PRO A 169 6.14 7.97 -16.60
N THR A 170 7.37 8.41 -16.45
CA THR A 170 8.39 7.63 -15.76
C THR A 170 8.51 7.93 -14.27
N ASN A 171 7.75 8.88 -13.74
CA ASN A 171 7.84 9.22 -12.32
CA ASN A 171 7.85 9.22 -12.32
C ASN A 171 7.61 7.99 -11.46
N PRO A 172 8.52 7.64 -10.55
CA PRO A 172 8.33 6.39 -9.78
C PRO A 172 7.07 6.34 -8.95
N ILE A 173 6.59 7.47 -8.44
CA ILE A 173 5.34 7.47 -7.70
C ILE A 173 4.18 7.16 -8.64
N ARG A 174 4.15 7.82 -9.80
CA ARG A 174 3.13 7.50 -10.81
C ARG A 174 3.18 6.03 -11.19
N LEU A 175 4.38 5.47 -11.41
CA LEU A 175 4.49 4.08 -11.81
C LEU A 175 4.02 3.14 -10.73
N GLY A 176 4.39 3.40 -9.47
CA GLY A 176 3.99 2.51 -8.41
C GLY A 176 2.51 2.62 -8.11
N LEU A 177 1.95 3.81 -8.27
CA LEU A 177 0.51 3.96 -8.17
C LEU A 177 -0.20 3.10 -9.20
N ALA A 178 0.25 3.18 -10.46
CA ALA A 178 -0.40 2.41 -11.51
C ALA A 178 -0.22 0.92 -11.29
N LEU A 179 0.97 0.49 -10.87
CA LEU A 179 1.17 -0.90 -10.51
C LEU A 179 0.12 -1.37 -9.49
N ASN A 180 -0.05 -0.60 -8.42
CA ASN A 180 -0.93 -1.04 -7.33
C ASN A 180 -2.40 -0.94 -7.73
N PHE A 181 -2.79 0.07 -8.51
CA PHE A 181 -4.16 0.15 -8.99
C PHE A 181 -4.46 -1.02 -9.92
N SER A 182 -3.47 -1.40 -10.73
N SER A 182 -3.48 -1.42 -10.72
CA SER A 182 -3.64 -2.59 -11.56
CA SER A 182 -3.69 -2.60 -11.56
C SER A 182 -3.85 -3.84 -10.71
C SER A 182 -3.85 -3.86 -10.71
N VAL A 183 -3.09 -3.99 -9.61
CA VAL A 183 -3.30 -5.11 -8.69
C VAL A 183 -4.71 -5.04 -8.07
N PHE A 184 -5.14 -3.84 -7.66
CA PHE A 184 -6.52 -3.65 -7.20
C PHE A 184 -7.53 -4.19 -8.23
N HIS A 185 -7.38 -3.81 -9.50
CA HIS A 185 -8.32 -4.31 -10.51
C HIS A 185 -8.30 -5.82 -10.58
N TYR A 186 -7.12 -6.42 -10.52
CA TYR A 186 -7.02 -7.85 -10.74
C TYR A 186 -7.50 -8.64 -9.53
N GLU A 187 -7.08 -8.25 -8.33
N GLU A 187 -7.09 -8.23 -8.34
CA GLU A 187 -7.30 -9.05 -7.14
CA GLU A 187 -7.30 -9.01 -7.12
C GLU A 187 -8.51 -8.62 -6.31
C GLU A 187 -8.55 -8.63 -6.37
N ILE A 188 -9.00 -7.39 -6.45
CA ILE A 188 -10.08 -6.87 -5.62
C ILE A 188 -11.35 -6.67 -6.43
N ALA A 189 -11.24 -6.01 -7.58
CA ALA A 189 -12.41 -5.60 -8.38
C ALA A 189 -12.82 -6.61 -9.43
N ASN A 190 -12.18 -7.77 -9.48
CA ASN A 190 -12.56 -8.82 -10.42
C ASN A 190 -12.54 -8.29 -11.86
N SER A 191 -11.52 -7.50 -12.18
CA SER A 191 -11.41 -6.83 -13.47
C SER A 191 -10.03 -7.10 -14.07
N PRO A 192 -9.73 -8.35 -14.39
CA PRO A 192 -8.39 -8.66 -14.91
C PRO A 192 -8.08 -7.96 -16.23
N GLU A 193 -9.06 -7.74 -17.10
CA GLU A 193 -8.76 -7.02 -18.34
C GLU A 193 -8.34 -5.58 -18.07
N GLU A 194 -9.01 -4.90 -17.14
CA GLU A 194 -8.58 -3.56 -16.75
C GLU A 194 -7.19 -3.60 -16.15
N ALA A 195 -6.92 -4.58 -15.30
CA ALA A 195 -5.59 -4.72 -14.70
C ALA A 195 -4.51 -4.82 -15.78
N ILE A 196 -4.73 -5.68 -16.77
CA ILE A 196 -3.75 -5.91 -17.82
C ILE A 196 -3.58 -4.67 -18.69
N SER A 197 -4.69 -4.05 -19.08
N SER A 197 -4.69 -4.05 -19.08
CA SER A 197 -4.60 -2.86 -19.92
CA SER A 197 -4.63 -2.86 -19.92
C SER A 197 -3.86 -1.74 -19.22
C SER A 197 -3.87 -1.74 -19.22
N LEU A 198 -4.16 -1.52 -17.94
CA LEU A 198 -3.47 -0.46 -17.22
C LEU A 198 -1.98 -0.74 -17.13
N ALA A 199 -1.60 -1.98 -16.82
CA ALA A 199 -0.18 -2.28 -16.66
C ALA A 199 0.58 -2.11 -17.99
N LYS A 200 -0.03 -2.57 -19.10
CA LYS A 200 0.60 -2.46 -20.41
C LYS A 200 0.77 -1.02 -20.84
N THR A 201 -0.30 -0.23 -20.72
N THR A 201 -0.30 -0.21 -20.73
CA THR A 201 -0.24 1.17 -21.14
CA THR A 201 -0.19 1.17 -21.17
C THR A 201 0.76 1.93 -20.28
C THR A 201 0.77 1.95 -20.28
N THR A 202 0.76 1.68 -18.97
CA THR A 202 1.71 2.33 -18.09
C THR A 202 3.14 2.00 -18.49
N PHE A 203 3.41 0.71 -18.74
CA PHE A 203 4.75 0.27 -19.14
C PHE A 203 5.17 0.93 -20.45
N ASP A 204 4.28 0.93 -21.44
CA ASP A 204 4.66 1.44 -22.76
C ASP A 204 4.90 2.95 -22.74
N GLU A 205 4.06 3.70 -22.02
N GLU A 205 4.08 3.68 -21.98
CA GLU A 205 4.27 5.14 -21.93
CA GLU A 205 4.25 5.13 -21.92
C GLU A 205 5.59 5.43 -21.23
C GLU A 205 5.47 5.53 -21.10
N ALA A 206 5.92 4.66 -20.19
CA ALA A 206 7.17 4.92 -19.48
C ALA A 206 8.36 4.60 -20.39
N MET A 207 8.30 3.48 -21.11
CA MET A 207 9.36 3.11 -22.05
C MET A 207 9.70 4.27 -22.97
N ALA A 208 8.69 4.94 -23.50
CA ALA A 208 8.87 6.01 -24.47
C ALA A 208 9.43 7.29 -23.87
N ASP A 209 9.43 7.42 -22.55
CA ASP A 209 9.95 8.61 -21.86
C ASP A 209 11.31 8.36 -21.22
N LEU A 210 11.82 7.13 -21.27
CA LEU A 210 13.09 6.83 -20.62
C LEU A 210 14.22 7.68 -21.19
N HIS A 211 14.13 8.04 -22.47
CA HIS A 211 15.25 8.74 -23.12
C HIS A 211 15.53 10.09 -22.48
N THR A 212 14.56 10.65 -21.74
CA THR A 212 14.70 11.96 -21.12
C THR A 212 15.48 11.94 -19.81
N LEU A 213 15.77 10.76 -19.27
CA LEU A 213 16.23 10.58 -17.91
C LEU A 213 17.74 10.44 -17.79
N SER A 214 18.25 10.87 -16.64
CA SER A 214 19.59 10.50 -16.21
C SER A 214 19.71 9.01 -15.94
N GLU A 215 20.96 8.56 -15.78
CA GLU A 215 21.22 7.17 -15.46
C GLU A 215 20.55 6.77 -14.14
N ASP A 216 20.62 7.64 -13.14
CA ASP A 216 20.02 7.30 -11.84
C ASP A 216 18.50 7.25 -11.93
N SER A 217 17.88 8.21 -12.61
CA SER A 217 16.43 8.20 -12.77
C SER A 217 15.97 7.02 -13.61
N TYR A 218 16.74 6.69 -14.65
CA TYR A 218 16.46 5.50 -15.47
C TYR A 218 16.46 4.24 -14.63
N LYS A 219 17.40 4.10 -13.70
CA LYS A 219 17.40 2.94 -12.82
C LYS A 219 16.14 2.90 -11.94
N ASP A 220 15.76 4.04 -11.37
CA ASP A 220 14.58 4.06 -10.50
C ASP A 220 13.33 3.68 -11.27
N SER A 221 13.17 4.22 -12.48
CA SER A 221 11.97 3.97 -13.28
C SER A 221 11.93 2.53 -13.79
N THR A 222 13.05 2.03 -14.33
CA THR A 222 13.03 0.68 -14.88
C THR A 222 12.79 -0.37 -13.81
N LEU A 223 13.19 -0.10 -12.57
CA LEU A 223 12.93 -1.05 -11.47
C LEU A 223 11.43 -1.30 -11.33
N ILE A 224 10.64 -0.24 -11.35
CA ILE A 224 9.20 -0.41 -11.20
C ILE A 224 8.58 -0.90 -12.49
N MET A 225 9.13 -0.51 -13.65
CA MET A 225 8.63 -1.06 -14.91
C MET A 225 8.76 -2.58 -14.92
N GLN A 226 9.84 -3.10 -14.33
CA GLN A 226 10.02 -4.54 -14.31
C GLN A 226 8.93 -5.22 -13.47
N LEU A 227 8.45 -4.57 -12.41
CA LEU A 227 7.35 -5.11 -11.62
C LEU A 227 6.06 -5.17 -12.43
N LEU A 228 5.78 -4.14 -13.24
CA LEU A 228 4.65 -4.20 -14.15
C LEU A 228 4.79 -5.35 -15.12
N ARG A 229 5.99 -5.56 -15.65
CA ARG A 229 6.21 -6.67 -16.58
C ARG A 229 6.02 -8.00 -15.87
N ASP A 230 6.49 -8.12 -14.63
CA ASP A 230 6.33 -9.37 -13.87
C ASP A 230 4.85 -9.72 -13.74
N ASN A 231 4.03 -8.74 -13.40
CA ASN A 231 2.60 -8.98 -13.28
C ASN A 231 2.00 -9.36 -14.62
N LEU A 232 2.38 -8.64 -15.69
CA LEU A 232 1.84 -8.98 -17.00
C LEU A 232 2.21 -10.40 -17.41
N THR A 233 3.42 -10.84 -17.05
CA THR A 233 3.85 -12.21 -17.34
C THR A 233 3.03 -13.22 -16.53
N LEU A 234 2.70 -12.88 -15.29
CA LEU A 234 1.88 -13.75 -14.47
C LEU A 234 0.45 -13.83 -15.01
N TRP A 235 -0.06 -12.73 -15.57
CA TRP A 235 -1.47 -12.61 -15.91
C TRP A 235 -1.80 -12.99 -17.36
N THR A 236 -0.82 -13.14 -18.23
CA THR A 236 -1.07 -13.42 -19.64
C THR A 236 -0.38 -14.69 -20.12
N GLY B 6 4.29 -16.35 -9.13
CA GLY B 6 3.16 -16.63 -8.27
C GLY B 6 2.77 -15.43 -7.43
N MET B 7 3.78 -14.65 -7.04
CA MET B 7 3.55 -13.46 -6.24
C MET B 7 3.13 -12.31 -7.15
N THR B 8 2.02 -11.65 -6.80
CA THR B 8 1.64 -10.39 -7.45
C THR B 8 2.45 -9.26 -6.84
N MET B 9 3.07 -8.44 -7.69
CA MET B 9 3.96 -7.40 -7.25
C MET B 9 3.20 -6.11 -6.98
N SEP B 10 3.47 -5.52 -5.82
CA SEP B 10 2.99 -4.18 -5.51
CB SEP B 10 1.79 -4.20 -4.53
OG SEP B 10 2.21 -4.85 -3.37
C SEP B 10 4.15 -3.45 -4.88
O SEP B 10 5.15 -4.09 -4.46
P SEP B 10 1.15 -4.91 -2.16
O1P SEP B 10 2.00 -5.53 -0.98
O2P SEP B 10 -0.06 -5.85 -2.57
O3P SEP B 10 0.69 -3.43 -1.83
N VAL B 11 4.05 -2.13 -4.76
CA VAL B 11 5.11 -1.38 -4.08
C VAL B 11 4.58 -0.38 -3.09
MG MG C . 9.94 20.69 19.20
MG MG D . 0.90 22.18 1.90
CL CL E . 13.42 5.39 22.42
#